data_4OKG
#
_entry.id   4OKG
#
_cell.length_a   35.770
_cell.length_b   157.115
_cell.length_c   48.946
_cell.angle_alpha   90.000
_cell.angle_beta   101.870
_cell.angle_gamma   90.000
#
_symmetry.space_group_name_H-M   'P 1 21 1'
#
loop_
_entity.id
_entity.type
_entity.pdbx_description
1 polymer 'UDP-3-O-[3-hydroxymyristoyl] N-acetylglucosamine deacetylase'
2 non-polymer 'ZINC ION'
3 non-polymer 6-(1H-benzimidazol-1-yl)-N-hydroxy-5-[4-({6-[(4-methylpiperazin-1-yl)methyl]pyridin-3-yl}ethynyl)phenyl]pyridine-3-carboxamide
4 water water
#
_entity_poly.entity_id   1
_entity_poly.type   'polypeptide(L)'
_entity_poly.pdbx_seq_one_letter_code
;MIKQRTLKNIIRATGVGLHSGEKVYLTLKPAPVDTGIVFSRTDLDPVVEIPARAENVGETTMSTTLVKGDVKVDTVEHLL
SAMAGLGIDNAYVELSASEVPIMDGSAGPFVFLIQSAGLQEQEAAKKFIRIKREVSVEEGDKRAVFVPFDGFKVSFEIDF
DHPVFRGRTQQASVDFSSTSFVKEVSRARTFGFMRDIEYLRSQNLALGGSVENAIVVDENRVLNEDGLRYEDEFVKHKIL
DAIGDLYLLGNSLIGEFRGFKSGHALNNQLLRTLIADKDAWEVVTFEDARTAPISYMRP
;
_entity_poly.pdbx_strand_id   A,B
#
loop_
_chem_comp.id
_chem_comp.type
_chem_comp.name
_chem_comp.formula
2SZ non-polymer 6-(1H-benzimidazol-1-yl)-N-hydroxy-5-[4-({6-[(4-methylpiperazin-1-yl)methyl]pyridin-3-yl}ethynyl)phenyl]pyridine-3-carboxamide 'C32 H29 N7 O2'
ZN non-polymer 'ZINC ION' 'Zn 2'
#
# COMPACT_ATOMS: atom_id res chain seq x y z
N MET A 1 2.23 26.07 20.17
CA MET A 1 2.53 26.15 18.74
C MET A 1 3.45 25.06 18.24
N ILE A 2 3.43 24.75 16.92
CA ILE A 2 4.38 23.81 16.34
C ILE A 2 5.62 24.65 16.09
N LYS A 3 6.69 24.33 16.81
CA LYS A 3 7.92 25.10 16.78
C LYS A 3 8.89 24.59 15.75
N GLN A 4 9.85 25.46 15.39
CA GLN A 4 10.97 25.07 14.54
C GLN A 4 11.89 24.22 15.39
N ARG A 5 12.67 23.36 14.73
CA ARG A 5 13.58 22.45 15.40
C ARG A 5 14.95 22.46 14.79
N THR A 6 15.96 22.31 15.65
CA THR A 6 17.35 22.11 15.27
C THR A 6 17.87 20.94 16.13
N LEU A 7 19.17 20.70 16.11
CA LEU A 7 19.85 19.68 16.91
C LEU A 7 20.27 20.30 18.23
N LYS A 8 20.32 19.50 19.31
CA LYS A 8 20.76 20.00 20.62
C LYS A 8 22.27 20.09 20.63
N ASN A 9 22.95 19.23 19.86
CA ASN A 9 24.42 19.15 19.85
C ASN A 9 24.94 18.88 18.46
N ILE A 10 26.23 19.18 18.25
CA ILE A 10 26.98 18.86 17.03
C ILE A 10 27.19 17.33 17.04
N ILE A 11 27.01 16.67 15.90
CA ILE A 11 27.27 15.23 15.84
C ILE A 11 27.98 14.93 14.54
N ARG A 12 28.86 13.89 14.56
CA ARG A 12 29.67 13.48 13.42
C ARG A 12 29.41 12.03 13.02
N ALA A 13 29.54 11.77 11.72
CA ALA A 13 29.44 10.44 11.14
C ALA A 13 30.52 10.34 10.09
N THR A 14 30.98 9.11 9.82
CA THR A 14 31.97 8.85 8.79
C THR A 14 31.38 7.81 7.83
N GLY A 15 31.69 7.96 6.57
CA GLY A 15 31.25 7.00 5.57
C GLY A 15 31.91 7.15 4.24
N VAL A 16 31.26 6.59 3.23
CA VAL A 16 31.74 6.58 1.85
C VAL A 16 30.60 7.05 0.96
N GLY A 17 30.93 7.83 -0.06
CA GLY A 17 29.96 8.28 -1.06
C GLY A 17 29.58 7.12 -1.95
N LEU A 18 28.27 6.86 -2.12
CA LEU A 18 27.77 5.77 -2.96
C LEU A 18 28.38 5.81 -4.36
N HIS A 19 28.31 6.95 -5.01
CA HIS A 19 28.77 7.12 -6.37
C HIS A 19 30.26 7.42 -6.52
N SER A 20 30.83 8.26 -5.64
CA SER A 20 32.25 8.64 -5.73
C SER A 20 33.19 7.64 -5.08
N GLY A 21 32.69 6.83 -4.17
CA GLY A 21 33.52 5.88 -3.42
C GLY A 21 34.49 6.56 -2.46
N GLU A 22 34.41 7.89 -2.33
CA GLU A 22 35.32 8.69 -1.48
C GLU A 22 34.91 8.69 -0.02
N LYS A 23 35.88 8.53 0.90
CA LYS A 23 35.65 8.60 2.35
C LYS A 23 35.25 10.04 2.65
N VAL A 24 34.26 10.22 3.52
CA VAL A 24 33.74 11.56 3.83
C VAL A 24 33.45 11.70 5.32
N TYR A 25 33.76 12.87 5.86
CA TYR A 25 33.43 13.21 7.25
C TYR A 25 32.20 14.09 7.20
N LEU A 26 31.15 13.71 7.92
CA LEU A 26 29.88 14.44 7.96
C LEU A 26 29.65 15.04 9.35
N THR A 27 29.48 16.37 9.40
CA THR A 27 29.17 17.08 10.63
C THR A 27 27.80 17.72 10.52
N LEU A 28 26.95 17.48 11.52
CA LEU A 28 25.64 18.11 11.59
C LEU A 28 25.72 19.10 12.75
N LYS A 29 25.51 20.39 12.46
CA LYS A 29 25.65 21.42 13.50
C LYS A 29 24.33 22.12 13.76
N PRO A 30 23.99 22.35 15.05
CA PRO A 30 22.78 23.12 15.33
C PRO A 30 22.79 24.49 14.65
N ALA A 31 21.63 24.97 14.23
CA ALA A 31 21.49 26.26 13.52
C ALA A 31 20.34 27.07 14.06
N PRO A 32 20.42 28.42 14.02
CA PRO A 32 19.35 29.23 14.62
C PRO A 32 18.07 29.28 13.76
N VAL A 33 17.03 29.90 14.32
CA VAL A 33 15.72 30.04 13.67
C VAL A 33 15.85 30.63 12.24
N ASP A 34 15.05 30.09 11.30
CA ASP A 34 14.94 30.54 9.91
C ASP A 34 16.21 30.42 9.11
N THR A 35 17.10 29.48 9.46
CA THR A 35 18.31 29.22 8.69
C THR A 35 17.98 28.26 7.52
N GLY A 36 17.16 27.24 7.79
CA GLY A 36 16.91 26.16 6.84
C GLY A 36 18.07 25.19 6.92
N ILE A 37 18.17 24.28 5.96
CA ILE A 37 19.28 23.32 5.90
C ILE A 37 20.32 23.90 4.91
N VAL A 38 21.56 24.06 5.38
CA VAL A 38 22.64 24.64 4.56
C VAL A 38 23.81 23.66 4.56
N PHE A 39 24.24 23.26 3.34
CA PHE A 39 25.37 22.35 3.19
C PHE A 39 26.64 23.15 2.97
N SER A 40 27.78 22.65 3.45
CA SER A 40 29.03 23.31 3.18
C SER A 40 30.12 22.33 2.93
N ARG A 41 30.99 22.66 1.97
CA ARG A 41 32.14 21.87 1.58
C ARG A 41 33.35 22.42 2.32
N THR A 42 33.76 21.71 3.38
CA THR A 42 34.90 22.09 4.24
C THR A 42 36.27 21.72 3.67
N ASP A 43 36.33 20.81 2.70
CA ASP A 43 37.59 20.39 2.06
C ASP A 43 38.14 21.40 1.04
N LEU A 44 37.40 22.51 0.80
CA LEU A 44 37.66 23.58 -0.17
C LEU A 44 38.08 24.93 0.45
N ASP A 45 38.89 25.74 -0.31
CA ASP A 45 39.26 27.10 0.12
C ASP A 45 38.90 28.18 -0.93
N PRO A 46 38.01 29.15 -0.61
CA PRO A 46 37.22 29.26 0.63
C PRO A 46 36.16 28.15 0.74
N VAL A 47 35.52 28.04 1.92
CA VAL A 47 34.48 27.04 2.17
C VAL A 47 33.22 27.50 1.40
N VAL A 48 32.63 26.60 0.61
CA VAL A 48 31.44 26.92 -0.19
C VAL A 48 30.16 26.47 0.54
N GLU A 49 29.21 27.40 0.72
CA GLU A 49 27.90 27.14 1.34
C GLU A 49 26.89 26.95 0.22
N ILE A 50 26.00 25.94 0.34
CA ILE A 50 24.93 25.71 -0.62
C ILE A 50 23.63 25.46 0.15
N PRO A 51 22.69 26.43 0.22
CA PRO A 51 21.41 26.14 0.88
C PRO A 51 20.68 24.98 0.16
N ALA A 52 20.02 24.10 0.94
CA ALA A 52 19.29 22.95 0.40
C ALA A 52 17.95 23.47 -0.14
N ARG A 53 18.01 24.10 -1.33
CA ARG A 53 16.86 24.71 -1.99
C ARG A 53 16.74 24.19 -3.40
N ALA A 54 15.48 24.08 -3.90
CA ALA A 54 15.18 23.56 -5.24
C ALA A 54 15.97 24.25 -6.33
N GLU A 55 16.20 25.57 -6.18
CA GLU A 55 16.95 26.36 -7.17
C GLU A 55 18.42 25.95 -7.30
N ASN A 56 18.97 25.21 -6.30
CA ASN A 56 20.38 24.84 -6.30
C ASN A 56 20.60 23.41 -6.75
N VAL A 57 19.52 22.76 -7.22
CA VAL A 57 19.60 21.39 -7.74
C VAL A 57 20.23 21.45 -9.14
N GLY A 58 21.29 20.67 -9.34
CA GLY A 58 22.01 20.57 -10.61
C GLY A 58 21.71 19.23 -11.26
N GLU A 59 22.59 18.24 -11.09
CA GLU A 59 22.38 16.91 -11.65
C GLU A 59 21.35 16.11 -10.87
N THR A 60 20.60 15.25 -11.57
CA THR A 60 19.53 14.41 -10.99
C THR A 60 19.53 12.96 -11.51
N THR A 61 20.48 12.62 -12.39
CA THR A 61 20.59 11.28 -12.99
C THR A 61 20.88 10.18 -11.95
N MET A 62 21.94 10.33 -11.15
CA MET A 62 22.31 9.30 -10.18
C MET A 62 21.68 9.44 -8.81
N SER A 63 21.49 10.70 -8.38
CA SER A 63 20.94 11.12 -7.09
C SER A 63 20.67 12.61 -7.23
N THR A 64 20.13 13.26 -6.17
CA THR A 64 19.93 14.71 -6.21
C THR A 64 21.24 15.37 -5.83
N THR A 65 21.73 16.25 -6.70
CA THR A 65 22.97 17.00 -6.50
C THR A 65 22.68 18.48 -6.35
N LEU A 66 23.32 19.11 -5.37
CA LEU A 66 23.25 20.56 -5.20
C LEU A 66 24.49 21.14 -5.83
N VAL A 67 24.35 22.27 -6.54
CA VAL A 67 25.46 22.93 -7.23
C VAL A 67 25.51 24.44 -6.93
N LYS A 68 26.72 24.99 -6.99
CA LYS A 68 27.02 26.41 -6.89
C LYS A 68 28.33 26.56 -7.66
N GLY A 69 28.22 26.96 -8.93
CA GLY A 69 29.37 27.06 -9.83
C GLY A 69 29.88 25.68 -10.19
N ASP A 70 31.17 25.44 -10.04
CA ASP A 70 31.72 24.10 -10.30
C ASP A 70 31.66 23.23 -9.03
N VAL A 71 31.21 23.79 -7.90
CA VAL A 71 31.13 23.09 -6.61
C VAL A 71 29.85 22.27 -6.48
N LYS A 72 29.99 20.98 -6.15
CA LYS A 72 28.83 20.12 -5.99
C LYS A 72 28.73 19.46 -4.60
N VAL A 73 27.49 19.15 -4.20
CA VAL A 73 27.17 18.33 -3.04
C VAL A 73 26.20 17.26 -3.58
N ASP A 74 26.68 16.02 -3.68
CA ASP A 74 25.95 14.88 -4.24
C ASP A 74 25.19 14.09 -3.19
N THR A 75 24.07 13.46 -3.62
CA THR A 75 23.25 12.50 -2.85
C THR A 75 22.76 13.09 -1.53
N VAL A 76 22.02 14.18 -1.63
CA VAL A 76 21.52 14.89 -0.45
C VAL A 76 20.17 14.31 0.06
N GLU A 77 19.44 13.52 -0.76
CA GLU A 77 18.09 13.03 -0.49
C GLU A 77 17.89 12.13 0.72
N HIS A 78 18.82 11.22 1.05
CA HIS A 78 18.58 10.34 2.21
C HIS A 78 18.69 11.07 3.51
N LEU A 79 19.69 11.95 3.62
CA LEU A 79 19.90 12.79 4.78
C LEU A 79 18.70 13.77 4.91
N LEU A 80 18.27 14.38 3.78
CA LEU A 80 17.14 15.31 3.79
C LEU A 80 15.83 14.60 4.16
N SER A 81 15.64 13.34 3.74
CA SER A 81 14.42 12.59 4.10
C SER A 81 14.42 12.36 5.62
N ALA A 82 15.60 12.03 6.20
CA ALA A 82 15.73 11.86 7.67
C ALA A 82 15.37 13.16 8.41
N MET A 83 15.81 14.32 7.88
CA MET A 83 15.52 15.64 8.48
C MET A 83 14.05 15.99 8.37
N ALA A 84 13.45 15.74 7.19
CA ALA A 84 12.00 15.96 6.95
C ALA A 84 11.21 15.08 7.90
N GLY A 85 11.60 13.81 8.00
CA GLY A 85 10.95 12.82 8.84
C GLY A 85 10.91 13.18 10.32
N LEU A 86 11.96 13.84 10.80
CA LEU A 86 12.07 14.25 12.19
C LEU A 86 11.68 15.69 12.46
N GLY A 87 11.40 16.44 11.40
CA GLY A 87 10.98 17.84 11.52
C GLY A 87 12.11 18.82 11.79
N ILE A 88 13.34 18.48 11.38
CA ILE A 88 14.49 19.39 11.51
C ILE A 88 14.36 20.52 10.47
N ASP A 89 14.17 21.74 10.93
CA ASP A 89 14.07 22.91 10.06
C ASP A 89 15.44 23.55 9.85
N ASN A 90 16.25 23.59 10.90
CA ASN A 90 17.50 24.33 10.85
C ASN A 90 18.69 23.49 11.18
N ALA A 91 19.67 23.45 10.28
CA ALA A 91 20.91 22.71 10.53
C ALA A 91 21.98 23.08 9.52
N TYR A 92 23.26 23.02 9.96
CA TYR A 92 24.39 23.14 9.04
C TYR A 92 24.86 21.71 8.80
N VAL A 93 25.11 21.37 7.52
CA VAL A 93 25.62 20.06 7.15
C VAL A 93 26.97 20.31 6.54
N GLU A 94 28.04 19.92 7.24
CA GLU A 94 29.39 20.16 6.75
C GLU A 94 29.99 18.88 6.29
N LEU A 95 30.53 18.87 5.06
CA LEU A 95 31.08 17.67 4.44
C LEU A 95 32.51 17.90 3.99
N SER A 96 33.38 16.86 4.11
CA SER A 96 34.79 16.92 3.72
C SER A 96 35.04 16.45 2.26
N ALA A 97 33.98 16.17 1.51
CA ALA A 97 34.03 15.69 0.13
C ALA A 97 32.69 16.03 -0.51
N SER A 98 32.58 15.89 -1.84
CA SER A 98 31.36 16.22 -2.57
C SER A 98 30.14 15.42 -2.16
N GLU A 99 30.28 14.14 -1.78
CA GLU A 99 29.11 13.33 -1.56
C GLU A 99 28.80 12.95 -0.12
N VAL A 100 27.51 13.11 0.24
CA VAL A 100 26.99 12.70 1.56
C VAL A 100 27.26 11.16 1.69
N PRO A 101 27.74 10.66 2.85
CA PRO A 101 27.98 9.20 2.98
C PRO A 101 26.69 8.39 2.82
N ILE A 102 26.80 7.21 2.20
CA ILE A 102 25.64 6.35 1.94
C ILE A 102 25.15 5.60 3.18
N MET A 103 26.06 5.35 4.18
CA MET A 103 25.72 4.62 5.41
C MET A 103 25.22 3.22 5.06
N ASP A 104 24.04 2.80 5.51
CA ASP A 104 23.52 1.48 5.14
C ASP A 104 22.62 1.51 3.89
N GLY A 105 22.57 2.66 3.20
CA GLY A 105 21.76 2.89 2.00
C GLY A 105 20.34 3.38 2.26
N SER A 106 19.99 3.56 3.54
CA SER A 106 18.66 4.04 3.95
C SER A 106 18.77 5.38 4.72
N ALA A 107 17.66 5.88 5.31
CA ALA A 107 17.71 7.10 6.17
C ALA A 107 17.88 6.71 7.66
N GLY A 108 17.81 5.41 7.96
CA GLY A 108 17.92 4.84 9.30
C GLY A 108 19.06 5.36 10.14
N PRO A 109 20.33 5.20 9.68
CA PRO A 109 21.47 5.72 10.46
C PRO A 109 21.44 7.23 10.67
N PHE A 110 20.93 8.04 9.68
CA PHE A 110 20.82 9.48 9.86
C PHE A 110 19.75 9.81 10.89
N VAL A 111 18.61 9.08 10.86
CA VAL A 111 17.56 9.30 11.85
C VAL A 111 18.11 9.00 13.28
N PHE A 112 18.86 7.90 13.44
CA PHE A 112 19.46 7.55 14.72
C PHE A 112 20.51 8.57 15.17
N LEU A 113 21.34 9.06 14.25
CA LEU A 113 22.39 10.07 14.52
C LEU A 113 21.72 11.37 15.04
N ILE A 114 20.63 11.79 14.39
CA ILE A 114 19.92 13.00 14.78
C ILE A 114 19.30 12.83 16.16
N GLN A 115 18.61 11.69 16.37
CA GLN A 115 17.98 11.40 17.65
C GLN A 115 19.04 11.25 18.79
N SER A 116 20.25 10.73 18.47
CA SER A 116 21.36 10.61 19.42
C SER A 116 21.86 12.02 19.84
N ALA A 117 21.92 12.98 18.90
CA ALA A 117 22.31 14.36 19.16
C ALA A 117 21.21 15.09 19.92
N GLY A 118 19.98 14.60 19.82
CA GLY A 118 18.82 15.19 20.49
C GLY A 118 18.23 16.35 19.71
N LEU A 119 16.93 16.50 19.76
CA LEU A 119 16.25 17.56 19.05
C LEU A 119 16.07 18.76 19.95
N GLN A 120 16.16 19.95 19.38
CA GLN A 120 15.98 21.18 20.16
C GLN A 120 14.86 22.01 19.53
N GLU A 121 13.77 22.20 20.25
CA GLU A 121 12.65 23.04 19.80
C GLU A 121 13.03 24.49 20.02
N GLN A 122 12.70 25.33 19.03
CA GLN A 122 13.06 26.74 19.00
C GLN A 122 11.85 27.66 19.11
N GLU A 123 12.02 28.83 19.72
CA GLU A 123 10.92 29.77 19.95
C GLU A 123 10.56 30.60 18.70
N ALA A 124 10.02 29.92 17.69
CA ALA A 124 9.50 30.50 16.46
C ALA A 124 8.66 29.42 15.79
N ALA A 125 7.53 29.81 15.20
CA ALA A 125 6.63 28.90 14.55
C ALA A 125 7.30 28.26 13.34
N LYS A 126 7.04 26.96 13.18
CA LYS A 126 7.50 26.18 12.03
C LYS A 126 6.57 26.57 10.86
N LYS A 127 7.14 26.91 9.70
CA LYS A 127 6.36 27.32 8.53
C LYS A 127 6.11 26.13 7.64
N PHE A 128 4.85 25.97 7.22
CA PHE A 128 4.44 24.88 6.34
C PHE A 128 3.95 25.45 5.02
N ILE A 129 4.03 24.64 3.95
CA ILE A 129 3.52 25.00 2.64
C ILE A 129 2.28 24.15 2.39
N ARG A 130 1.11 24.78 2.33
CA ARG A 130 -0.13 24.08 2.06
C ARG A 130 -0.40 24.02 0.54
N ILE A 131 -0.69 22.83 0.03
CA ILE A 131 -1.11 22.63 -1.36
C ILE A 131 -2.58 23.03 -1.44
N LYS A 132 -2.88 24.08 -2.21
CA LYS A 132 -4.25 24.58 -2.35
C LYS A 132 -4.90 24.05 -3.58
N ARG A 133 -4.10 23.78 -4.62
CA ARG A 133 -4.60 23.31 -5.90
C ARG A 133 -3.67 22.23 -6.44
N GLU A 134 -4.22 21.34 -7.25
CA GLU A 134 -3.41 20.30 -7.84
C GLU A 134 -2.35 20.87 -8.79
N VAL A 135 -1.12 20.33 -8.71
CA VAL A 135 -0.01 20.72 -9.58
C VAL A 135 0.60 19.41 -10.08
N SER A 136 0.76 19.27 -11.39
CA SER A 136 1.38 18.06 -11.89
C SER A 136 2.36 18.33 -13.02
N VAL A 137 3.34 17.45 -13.16
CA VAL A 137 4.32 17.46 -14.21
C VAL A 137 4.38 16.05 -14.80
N GLU A 138 4.54 15.95 -16.11
CA GLU A 138 4.63 14.68 -16.82
C GLU A 138 5.71 14.74 -17.84
N GLU A 139 6.31 13.59 -18.14
CA GLU A 139 7.24 13.39 -19.23
C GLU A 139 7.12 11.94 -19.67
N GLY A 140 6.42 11.74 -20.79
CA GLY A 140 6.13 10.40 -21.31
C GLY A 140 5.22 9.66 -20.38
N ASP A 141 5.68 8.50 -19.83
CA ASP A 141 4.90 7.72 -18.88
C ASP A 141 5.19 8.09 -17.41
N LYS A 142 6.14 9.02 -17.17
CA LYS A 142 6.51 9.45 -15.81
C LYS A 142 5.60 10.60 -15.39
N ARG A 143 5.19 10.61 -14.12
CA ARG A 143 4.31 11.65 -13.59
C ARG A 143 4.58 11.90 -12.11
N ALA A 144 4.50 13.15 -11.67
CA ALA A 144 4.66 13.57 -10.27
C ALA A 144 3.59 14.63 -10.05
N VAL A 145 2.79 14.46 -8.97
CA VAL A 145 1.62 15.32 -8.71
C VAL A 145 1.56 15.69 -7.25
N PHE A 146 1.11 16.91 -6.99
CA PHE A 146 0.78 17.40 -5.65
C PHE A 146 -0.75 17.57 -5.68
N VAL A 147 -1.45 17.02 -4.68
CA VAL A 147 -2.92 17.12 -4.59
C VAL A 147 -3.25 17.71 -3.22
N PRO A 148 -4.26 18.61 -3.06
CA PRO A 148 -4.58 19.11 -1.72
C PRO A 148 -4.97 17.94 -0.81
N PHE A 149 -4.47 17.99 0.41
CA PHE A 149 -4.69 16.94 1.43
C PHE A 149 -4.36 17.51 2.78
N ASP A 150 -5.25 17.37 3.75
CA ASP A 150 -5.07 17.96 5.07
C ASP A 150 -4.22 17.05 5.97
N GLY A 151 -2.91 17.06 5.70
CA GLY A 151 -1.90 16.25 6.38
C GLY A 151 -0.75 16.05 5.41
N PHE A 152 -0.04 14.91 5.50
CA PHE A 152 1.03 14.58 4.57
C PHE A 152 0.96 13.11 4.18
N LYS A 153 0.80 12.87 2.88
CA LYS A 153 0.60 11.51 2.36
C LYS A 153 1.44 11.34 1.11
N VAL A 154 2.06 10.16 0.95
CA VAL A 154 2.90 9.88 -0.23
C VAL A 154 2.50 8.57 -0.82
N SER A 155 2.21 8.57 -2.12
CA SER A 155 1.93 7.37 -2.90
C SER A 155 2.98 7.28 -4.01
N PHE A 156 3.41 6.05 -4.32
CA PHE A 156 4.41 5.83 -5.35
C PHE A 156 4.14 4.54 -6.08
N GLU A 157 4.31 4.53 -7.39
CA GLU A 157 4.29 3.31 -8.19
C GLU A 157 5.53 3.29 -9.05
N ILE A 158 6.22 2.17 -9.05
CA ILE A 158 7.45 2.02 -9.85
C ILE A 158 7.29 0.92 -10.85
N ASP A 159 8.04 0.99 -11.95
CA ASP A 159 8.15 -0.05 -12.97
C ASP A 159 9.57 -0.58 -12.83
N PHE A 160 9.72 -1.89 -12.84
CA PHE A 160 11.04 -2.52 -12.76
C PHE A 160 11.60 -2.77 -14.16
N ASP A 161 12.85 -3.25 -14.21
CA ASP A 161 13.53 -3.65 -15.46
C ASP A 161 14.29 -5.00 -15.27
N HIS A 162 13.61 -6.20 -15.17
CA HIS A 162 12.16 -6.55 -15.14
C HIS A 162 11.99 -8.05 -15.44
N PRO A 163 11.02 -8.80 -14.83
CA PRO A 163 10.11 -8.46 -13.72
C PRO A 163 10.67 -8.98 -12.36
N VAL A 164 10.25 -8.38 -11.24
CA VAL A 164 10.73 -8.72 -9.87
C VAL A 164 9.56 -9.12 -8.98
N PHE A 165 9.70 -10.30 -8.37
CA PHE A 165 8.71 -10.95 -7.49
C PHE A 165 7.38 -11.10 -8.21
N ARG A 166 7.44 -11.58 -9.49
CA ARG A 166 6.34 -11.88 -10.43
C ARG A 166 5.66 -10.63 -10.99
N GLY A 167 6.05 -9.47 -10.47
CA GLY A 167 5.48 -8.21 -10.91
C GLY A 167 6.49 -7.35 -11.64
N ARG A 168 5.99 -6.58 -12.61
CA ARG A 168 6.76 -5.63 -13.39
C ARG A 168 6.67 -4.27 -12.64
N THR A 169 5.71 -4.17 -11.70
CA THR A 169 5.45 -2.94 -10.95
C THR A 169 5.33 -3.18 -9.44
N GLN A 170 5.46 -2.09 -8.65
CA GLN A 170 5.29 -2.11 -7.20
C GLN A 170 4.69 -0.79 -6.76
N GLN A 171 3.71 -0.86 -5.87
CA GLN A 171 3.00 0.33 -5.35
C GLN A 171 2.94 0.34 -3.80
N ALA A 172 2.96 1.55 -3.22
CA ALA A 172 2.77 1.77 -1.80
C ALA A 172 2.27 3.15 -1.53
N SER A 173 1.39 3.27 -0.50
CA SER A 173 0.82 4.54 -0.03
C SER A 173 1.08 4.65 1.45
N VAL A 174 1.67 5.77 1.87
CA VAL A 174 1.97 6.02 3.27
C VAL A 174 1.34 7.35 3.69
N ASP A 175 0.41 7.31 4.65
CA ASP A 175 -0.24 8.48 5.21
C ASP A 175 0.49 8.66 6.50
N PHE A 176 1.25 9.76 6.60
CA PHE A 176 2.09 10.04 7.75
C PHE A 176 1.30 10.42 9.04
N SER A 177 -0.04 10.47 8.99
CA SER A 177 -0.89 10.72 10.18
C SER A 177 -0.96 9.46 11.07
N SER A 178 -1.13 8.27 10.43
CA SER A 178 -1.26 6.97 11.11
C SER A 178 0.01 6.11 11.12
N THR A 179 0.90 6.30 10.13
CA THR A 179 2.16 5.53 10.00
C THR A 179 3.37 6.45 10.13
N SER A 180 4.32 6.06 10.97
CA SER A 180 5.49 6.91 11.19
C SER A 180 6.55 6.69 10.12
N PHE A 181 7.26 7.77 9.82
CA PHE A 181 8.37 7.77 8.88
C PHE A 181 9.43 6.81 9.43
N VAL A 182 9.73 6.91 10.74
CA VAL A 182 10.78 6.08 11.36
C VAL A 182 10.52 4.57 11.17
N LYS A 183 9.32 4.12 11.51
CA LYS A 183 8.93 2.72 11.47
C LYS A 183 8.78 2.13 10.08
N GLU A 184 8.06 2.81 9.20
CA GLU A 184 7.69 2.26 7.90
C GLU A 184 8.50 2.69 6.70
N VAL A 185 9.27 3.79 6.81
CA VAL A 185 10.00 4.25 5.65
C VAL A 185 11.53 4.31 5.85
N SER A 186 11.98 4.90 6.96
CA SER A 186 13.41 5.24 7.20
C SER A 186 14.43 4.16 6.88
N ARG A 187 14.09 2.91 7.14
CA ARG A 187 14.99 1.77 6.94
C ARG A 187 15.01 1.20 5.51
N ALA A 188 14.23 1.75 4.59
CA ALA A 188 14.22 1.25 3.20
C ALA A 188 15.50 1.63 2.44
N ARG A 189 16.28 0.63 2.02
CA ARG A 189 17.57 0.82 1.34
C ARG A 189 17.45 1.02 -0.15
N THR A 190 18.44 1.71 -0.69
CA THR A 190 18.60 1.94 -2.14
C THR A 190 18.86 0.59 -2.78
N PHE A 191 18.68 0.51 -4.10
CA PHE A 191 18.81 -0.77 -4.78
C PHE A 191 19.29 -0.60 -6.22
N GLY A 192 19.78 -1.69 -6.78
CA GLY A 192 20.21 -1.73 -8.16
C GLY A 192 20.19 -3.14 -8.71
N PHE A 193 19.92 -3.26 -10.01
CA PHE A 193 19.93 -4.58 -10.65
C PHE A 193 21.36 -4.77 -11.08
N MET A 194 21.84 -6.00 -10.98
CA MET A 194 23.21 -6.36 -11.35
C MET A 194 23.60 -5.88 -12.77
N ARG A 195 22.71 -6.05 -13.77
CA ARG A 195 22.96 -5.62 -15.16
C ARG A 195 23.25 -4.11 -15.21
N ASP A 196 22.49 -3.31 -14.43
CA ASP A 196 22.70 -1.87 -14.34
C ASP A 196 24.00 -1.53 -13.61
N ILE A 197 24.31 -2.27 -12.53
CA ILE A 197 25.49 -2.08 -11.68
C ILE A 197 26.78 -2.32 -12.47
N GLU A 198 26.80 -3.41 -13.27
CA GLU A 198 27.98 -3.73 -14.12
C GLU A 198 28.25 -2.55 -15.08
N TYR A 199 27.15 -2.00 -15.69
CA TYR A 199 27.24 -0.84 -16.58
C TYR A 199 27.74 0.37 -15.78
N LEU A 200 27.10 0.71 -14.64
CA LEU A 200 27.57 1.87 -13.83
C LEU A 200 29.04 1.81 -13.43
N ARG A 201 29.49 0.64 -12.90
CA ARG A 201 30.90 0.42 -12.49
C ARG A 201 31.85 0.54 -13.70
N SER A 202 31.44 0.05 -14.88
CA SER A 202 32.26 0.20 -16.11
C SER A 202 32.50 1.69 -16.41
N GLN A 203 31.55 2.56 -16.02
CA GLN A 203 31.67 4.01 -16.24
C GLN A 203 32.23 4.75 -15.03
N ASN A 204 32.84 4.01 -14.05
CA ASN A 204 33.41 4.58 -12.82
C ASN A 204 32.34 5.26 -11.93
N LEU A 205 31.13 4.67 -11.88
CA LEU A 205 30.03 5.18 -11.09
C LEU A 205 29.73 4.12 -10.05
N ALA A 206 28.88 4.42 -9.03
CA ALA A 206 28.50 3.47 -7.95
C ALA A 206 29.72 2.83 -7.22
N LEU A 207 30.85 3.55 -7.18
CA LEU A 207 32.13 3.12 -6.60
C LEU A 207 32.08 2.70 -5.13
N GLY A 208 31.21 3.35 -4.35
CA GLY A 208 31.07 3.03 -2.93
C GLY A 208 30.00 2.01 -2.63
N GLY A 209 29.33 1.51 -3.68
CA GLY A 209 28.27 0.53 -3.51
C GLY A 209 28.73 -0.84 -3.09
N SER A 210 27.94 -1.52 -2.25
CA SER A 210 28.20 -2.89 -1.78
C SER A 210 26.91 -3.48 -1.23
N VAL A 211 26.90 -4.78 -0.91
CA VAL A 211 25.73 -5.42 -0.28
C VAL A 211 25.48 -4.84 1.14
N GLU A 212 26.48 -4.15 1.72
CA GLU A 212 26.34 -3.50 3.02
C GLU A 212 25.60 -2.16 2.96
N ASN A 213 25.35 -1.62 1.76
CA ASN A 213 24.65 -0.33 1.64
C ASN A 213 23.65 -0.24 0.50
N ALA A 214 23.33 -1.40 -0.14
CA ALA A 214 22.40 -1.43 -1.25
C ALA A 214 21.82 -2.82 -1.45
N ILE A 215 20.55 -2.89 -1.90
CA ILE A 215 19.92 -4.17 -2.25
C ILE A 215 20.38 -4.46 -3.70
N VAL A 216 20.95 -5.64 -3.93
CA VAL A 216 21.44 -6.05 -5.23
C VAL A 216 20.56 -7.16 -5.73
N VAL A 217 20.00 -6.99 -6.91
CA VAL A 217 19.12 -8.02 -7.46
C VAL A 217 19.69 -8.49 -8.78
N ASP A 218 20.00 -9.78 -8.87
CA ASP A 218 20.54 -10.31 -10.09
C ASP A 218 19.35 -10.85 -10.84
N GLU A 219 18.74 -9.94 -11.66
CA GLU A 219 17.54 -10.16 -12.48
C GLU A 219 16.25 -10.21 -11.63
N ASN A 220 15.99 -11.34 -10.95
CA ASN A 220 14.78 -11.54 -10.13
C ASN A 220 15.05 -11.99 -8.70
N ARG A 221 16.35 -12.19 -8.33
CA ARG A 221 16.68 -12.66 -6.99
C ARG A 221 17.48 -11.64 -6.18
N VAL A 222 17.08 -11.41 -4.91
CA VAL A 222 17.84 -10.54 -4.00
C VAL A 222 19.12 -11.32 -3.63
N LEU A 223 20.29 -10.73 -3.86
CA LEU A 223 21.57 -11.39 -3.57
C LEU A 223 22.00 -11.23 -2.13
N ASN A 224 21.52 -10.16 -1.47
CA ASN A 224 21.85 -9.85 -0.06
C ASN A 224 21.45 -11.05 0.78
N GLU A 225 22.42 -11.53 1.59
CA GLU A 225 22.26 -12.73 2.43
C GLU A 225 21.00 -12.71 3.29
N ASP A 226 20.74 -11.58 3.98
CA ASP A 226 19.62 -11.47 4.91
C ASP A 226 18.33 -10.90 4.30
N GLY A 227 18.24 -10.88 2.98
CA GLY A 227 17.03 -10.45 2.30
C GLY A 227 16.61 -9.01 2.48
N LEU A 228 15.31 -8.77 2.49
CA LEU A 228 14.67 -7.45 2.58
C LEU A 228 14.21 -7.06 3.99
N ARG A 229 14.16 -5.74 4.26
CA ARG A 229 13.69 -5.16 5.52
C ARG A 229 12.17 -4.96 5.50
N TYR A 230 11.60 -4.81 4.30
CA TYR A 230 10.15 -4.68 4.05
C TYR A 230 9.89 -5.46 2.78
N GLU A 231 8.73 -6.10 2.66
CA GLU A 231 8.40 -6.86 1.42
C GLU A 231 8.40 -5.92 0.19
N ASP A 232 8.00 -4.66 0.39
CA ASP A 232 7.94 -3.62 -0.63
C ASP A 232 9.05 -2.58 -0.42
N GLU A 233 10.25 -3.04 -0.04
CA GLU A 233 11.37 -2.14 0.25
C GLU A 233 11.74 -1.21 -0.91
N PHE A 234 11.63 -1.69 -2.14
CA PHE A 234 11.97 -0.91 -3.34
C PHE A 234 11.14 0.34 -3.45
N VAL A 235 9.83 0.21 -3.41
CA VAL A 235 8.93 1.36 -3.52
C VAL A 235 9.00 2.25 -2.26
N LYS A 236 9.24 1.65 -1.05
CA LYS A 236 9.39 2.40 0.19
C LYS A 236 10.65 3.28 0.08
N HIS A 237 11.73 2.79 -0.60
CA HIS A 237 12.95 3.61 -0.79
C HIS A 237 12.65 4.77 -1.74
N LYS A 238 11.81 4.53 -2.80
CA LYS A 238 11.39 5.62 -3.72
C LYS A 238 10.59 6.68 -2.97
N ILE A 239 9.77 6.24 -1.98
CA ILE A 239 9.01 7.18 -1.14
C ILE A 239 10.01 7.99 -0.27
N LEU A 240 11.01 7.32 0.27
CA LEU A 240 12.08 7.92 1.08
C LEU A 240 12.77 9.00 0.25
N ASP A 241 13.15 8.69 -1.00
CA ASP A 241 13.81 9.65 -1.90
C ASP A 241 12.91 10.85 -2.19
N ALA A 242 11.62 10.60 -2.47
CA ALA A 242 10.64 11.68 -2.77
C ALA A 242 10.53 12.66 -1.59
N ILE A 243 10.51 12.14 -0.36
CA ILE A 243 10.44 12.97 0.86
C ILE A 243 11.65 13.88 0.96
N GLY A 244 12.82 13.31 0.70
CA GLY A 244 14.09 14.05 0.71
C GLY A 244 14.14 15.10 -0.37
N ASP A 245 13.80 14.71 -1.62
CA ASP A 245 13.76 15.64 -2.76
C ASP A 245 12.76 16.78 -2.54
N LEU A 246 11.59 16.48 -1.99
CA LEU A 246 10.51 17.43 -1.72
C LEU A 246 10.94 18.42 -0.62
N TYR A 247 11.85 17.99 0.28
CA TYR A 247 12.30 18.86 1.38
C TYR A 247 13.09 20.06 0.86
N LEU A 248 13.54 20.00 -0.42
CA LEU A 248 14.26 21.10 -1.07
C LEU A 248 13.37 22.33 -1.27
N LEU A 249 12.07 22.18 -0.98
CA LEU A 249 11.14 23.30 -1.02
C LEU A 249 11.54 24.30 0.11
N GLY A 250 12.16 23.80 1.17
CA GLY A 250 12.65 24.63 2.27
C GLY A 250 11.73 24.67 3.48
N ASN A 251 10.51 24.09 3.35
CA ASN A 251 9.50 23.99 4.39
C ASN A 251 8.69 22.73 4.16
N SER A 252 8.17 22.15 5.25
CA SER A 252 7.35 20.94 5.25
C SER A 252 6.05 21.17 4.50
N LEU A 253 5.63 20.16 3.74
CA LEU A 253 4.42 20.21 2.93
C LEU A 253 3.19 19.71 3.64
N ILE A 254 2.05 20.37 3.38
CA ILE A 254 0.74 19.92 3.80
C ILE A 254 0.06 19.60 2.49
N GLY A 255 -0.06 18.32 2.18
CA GLY A 255 -0.62 17.87 0.91
C GLY A 255 -0.26 16.43 0.61
N GLU A 256 -0.68 15.97 -0.57
CA GLU A 256 -0.42 14.61 -1.00
C GLU A 256 0.47 14.61 -2.25
N PHE A 257 1.52 13.81 -2.22
CA PHE A 257 2.40 13.63 -3.36
C PHE A 257 2.08 12.26 -3.93
N ARG A 258 1.95 12.19 -5.26
CA ARG A 258 1.76 10.92 -5.97
C ARG A 258 2.83 10.85 -7.05
N GLY A 259 3.61 9.77 -7.01
CA GLY A 259 4.67 9.56 -7.98
C GLY A 259 4.37 8.36 -8.85
N PHE A 260 4.56 8.52 -10.15
CA PHE A 260 4.31 7.44 -11.09
C PHE A 260 5.54 7.31 -11.91
N LYS A 261 6.38 6.34 -11.54
CA LYS A 261 7.66 6.06 -12.18
C LYS A 261 8.56 7.30 -12.20
N SER A 262 8.38 8.22 -11.22
CA SER A 262 9.06 9.51 -11.03
C SER A 262 10.43 9.33 -10.32
N GLY A 263 11.42 10.09 -10.73
CA GLY A 263 12.76 10.02 -10.14
C GLY A 263 13.17 11.38 -9.61
N HIS A 264 14.47 11.62 -9.46
CA HIS A 264 14.99 12.89 -8.93
C HIS A 264 14.72 14.05 -9.87
N ALA A 265 14.83 13.83 -11.19
CA ALA A 265 14.63 14.90 -12.17
C ALA A 265 13.22 15.46 -12.16
N LEU A 266 12.21 14.59 -12.27
CA LEU A 266 10.81 14.99 -12.27
C LEU A 266 10.34 15.51 -10.90
N ASN A 267 10.89 14.97 -9.79
CA ASN A 267 10.60 15.46 -8.44
C ASN A 267 11.00 16.93 -8.33
N ASN A 268 12.21 17.26 -8.86
CA ASN A 268 12.68 18.63 -8.85
C ASN A 268 11.86 19.51 -9.79
N GLN A 269 11.45 18.99 -10.94
CA GLN A 269 10.59 19.74 -11.88
C GLN A 269 9.23 20.04 -11.24
N LEU A 270 8.71 19.09 -10.44
CA LEU A 270 7.45 19.34 -9.73
C LEU A 270 7.63 20.48 -8.75
N LEU A 271 8.75 20.48 -7.99
CA LEU A 271 9.02 21.57 -7.03
C LEU A 271 9.11 22.91 -7.74
N ARG A 272 9.81 22.94 -8.88
CA ARG A 272 9.96 24.17 -9.65
C ARG A 272 8.63 24.71 -10.15
N THR A 273 7.72 23.80 -10.58
CA THR A 273 6.40 24.16 -11.08
C THR A 273 5.53 24.66 -9.95
N LEU A 274 5.61 24.01 -8.77
CA LEU A 274 4.84 24.46 -7.61
C LEU A 274 5.31 25.88 -7.20
N ILE A 275 6.66 26.07 -7.05
CA ILE A 275 7.22 27.38 -6.65
C ILE A 275 6.72 28.48 -7.59
N ALA A 276 6.75 28.20 -8.89
CA ALA A 276 6.29 29.13 -9.92
C ALA A 276 4.79 29.41 -9.89
N ASP A 277 3.98 28.42 -9.50
CA ASP A 277 2.52 28.53 -9.45
C ASP A 277 2.11 28.97 -8.05
N LYS A 278 2.33 30.27 -7.75
CA LYS A 278 2.07 30.84 -6.42
C LYS A 278 0.61 30.72 -5.94
N ASP A 279 -0.36 30.68 -6.86
CA ASP A 279 -1.76 30.51 -6.48
C ASP A 279 -2.09 29.10 -5.97
N ALA A 280 -1.21 28.13 -6.21
CA ALA A 280 -1.47 26.74 -5.78
C ALA A 280 -1.01 26.44 -4.36
N TRP A 281 -0.32 27.38 -3.70
CA TRP A 281 0.16 27.13 -2.35
C TRP A 281 0.15 28.38 -1.47
N GLU A 282 0.29 28.17 -0.16
CA GLU A 282 0.34 29.25 0.83
C GLU A 282 1.13 28.77 2.04
N VAL A 283 1.84 29.70 2.71
CA VAL A 283 2.58 29.44 3.94
C VAL A 283 1.60 29.50 5.13
N VAL A 284 1.65 28.52 6.04
CA VAL A 284 0.76 28.45 7.20
C VAL A 284 1.57 28.01 8.43
N THR A 285 1.17 28.51 9.60
CA THR A 285 1.77 28.16 10.87
C THR A 285 0.64 27.69 11.76
N PHE A 286 0.97 26.95 12.81
CA PHE A 286 -0.02 26.42 13.73
C PHE A 286 0.32 26.84 15.14
N GLU A 287 -0.45 27.78 15.68
CA GLU A 287 -0.26 28.27 17.03
C GLU A 287 -0.79 27.26 18.03
N ASP A 288 -1.58 26.31 17.52
CA ASP A 288 -2.17 25.22 18.28
C ASP A 288 -1.85 23.87 17.62
N ALA A 289 -0.83 23.18 18.16
CA ALA A 289 -0.34 21.87 17.69
C ALA A 289 -1.44 20.82 17.70
N ARG A 290 -2.31 20.86 18.72
CA ARG A 290 -3.42 19.93 18.93
C ARG A 290 -4.35 19.84 17.73
N THR A 291 -4.55 20.95 17.00
CA THR A 291 -5.45 21.00 15.82
C THR A 291 -4.69 21.02 14.45
N ALA A 292 -3.34 21.02 14.47
CA ALA A 292 -2.49 20.97 13.28
C ALA A 292 -2.64 19.60 12.53
N PRO A 293 -2.52 19.54 11.16
CA PRO A 293 -2.77 18.29 10.44
C PRO A 293 -1.58 17.33 10.39
N ILE A 294 -0.39 17.80 10.76
CA ILE A 294 0.84 17.00 10.80
C ILE A 294 1.35 17.02 12.24
N SER A 295 1.76 15.87 12.75
CA SER A 295 2.28 15.80 14.12
C SER A 295 3.72 15.31 14.07
N TYR A 296 4.58 15.92 14.88
CA TYR A 296 5.97 15.45 14.96
C TYR A 296 6.15 14.77 16.31
N MET A 297 7.15 13.91 16.40
CA MET A 297 7.42 13.23 17.66
C MET A 297 7.97 14.20 18.68
N ARG A 298 7.69 13.94 19.96
CA ARG A 298 8.19 14.75 21.07
C ARG A 298 9.71 14.95 20.88
N PRO A 299 10.25 16.13 21.24
CA PRO A 299 11.68 16.39 21.00
C PRO A 299 12.66 15.48 21.76
N MET B 1 -3.35 -31.48 -15.47
CA MET B 1 -4.04 -30.20 -15.59
C MET B 1 -4.60 -29.66 -14.29
N ILE B 2 -4.83 -28.33 -14.20
CA ILE B 2 -5.47 -27.77 -13.02
C ILE B 2 -6.95 -27.98 -13.25
N LYS B 3 -7.56 -28.79 -12.42
CA LYS B 3 -8.97 -29.20 -12.55
C LYS B 3 -9.91 -28.30 -11.81
N GLN B 4 -11.18 -28.34 -12.23
CA GLN B 4 -12.26 -27.65 -11.52
C GLN B 4 -12.51 -28.42 -10.24
N ARG B 5 -13.08 -27.75 -9.24
CA ARG B 5 -13.38 -28.34 -7.95
C ARG B 5 -14.76 -28.04 -7.46
N THR B 6 -15.36 -29.02 -6.80
CA THR B 6 -16.63 -28.88 -6.09
C THR B 6 -16.43 -29.50 -4.67
N LEU B 7 -17.54 -29.71 -3.94
CA LEU B 7 -17.55 -30.34 -2.63
C LEU B 7 -17.77 -31.83 -2.82
N LYS B 8 -17.23 -32.67 -1.91
CA LYS B 8 -17.43 -34.11 -1.99
C LYS B 8 -18.81 -34.46 -1.46
N ASN B 9 -19.32 -33.65 -0.50
CA ASN B 9 -20.60 -33.91 0.16
C ASN B 9 -21.36 -32.61 0.42
N ILE B 10 -22.66 -32.74 0.68
CA ILE B 10 -23.54 -31.64 1.10
C ILE B 10 -23.17 -31.33 2.57
N ILE B 11 -23.11 -30.05 2.93
CA ILE B 11 -22.83 -29.69 4.33
C ILE B 11 -23.71 -28.51 4.73
N ARG B 12 -24.10 -28.46 6.02
CA ARG B 12 -24.98 -27.44 6.59
C ARG B 12 -24.34 -26.65 7.73
N ALA B 13 -24.74 -25.38 7.84
CA ALA B 13 -24.33 -24.48 8.90
C ALA B 13 -25.56 -23.66 9.31
N THR B 14 -25.58 -23.19 10.55
CA THR B 14 -26.67 -22.36 11.07
C THR B 14 -26.05 -21.07 11.62
N GLY B 15 -26.75 -19.96 11.45
CA GLY B 15 -26.28 -18.69 11.97
C GLY B 15 -27.32 -17.60 11.90
N VAL B 16 -26.84 -16.36 11.96
CA VAL B 16 -27.64 -15.14 11.97
C VAL B 16 -27.05 -14.18 10.93
N GLY B 17 -27.92 -13.46 10.23
CA GLY B 17 -27.52 -12.44 9.26
C GLY B 17 -27.00 -11.22 10.02
N LEU B 18 -25.79 -10.75 9.67
CA LEU B 18 -25.17 -9.58 10.31
C LEU B 18 -26.14 -8.37 10.32
N HIS B 19 -26.70 -7.99 9.16
CA HIS B 19 -27.56 -6.82 9.11
C HIS B 19 -29.02 -7.10 9.40
N SER B 20 -29.56 -8.24 8.95
CA SER B 20 -30.97 -8.55 9.19
C SER B 20 -31.27 -9.10 10.60
N GLY B 21 -30.27 -9.67 11.25
CA GLY B 21 -30.44 -10.30 12.56
C GLY B 21 -31.27 -11.58 12.50
N GLU B 22 -31.66 -12.02 11.29
CA GLU B 22 -32.52 -13.20 11.08
C GLU B 22 -31.74 -14.51 11.13
N LYS B 23 -32.27 -15.54 11.84
CA LYS B 23 -31.69 -16.88 11.88
C LYS B 23 -31.79 -17.44 10.46
N VAL B 24 -30.73 -18.14 10.01
CA VAL B 24 -30.69 -18.66 8.64
C VAL B 24 -30.03 -20.03 8.62
N TYR B 25 -30.55 -20.91 7.76
CA TYR B 25 -29.98 -22.24 7.53
C TYR B 25 -29.22 -22.18 6.21
N LEU B 26 -27.95 -22.55 6.23
CA LEU B 26 -27.09 -22.54 5.06
C LEU B 26 -26.69 -23.96 4.61
N THR B 27 -26.99 -24.31 3.36
CA THR B 27 -26.63 -25.58 2.75
C THR B 27 -25.69 -25.34 1.58
N LEU B 28 -24.56 -26.07 1.57
CA LEU B 28 -23.61 -26.04 0.46
C LEU B 28 -23.73 -27.38 -0.22
N LYS B 29 -24.11 -27.39 -1.52
CA LYS B 29 -24.30 -28.63 -2.25
C LYS B 29 -23.29 -28.80 -3.38
N PRO B 30 -22.72 -30.01 -3.55
CA PRO B 30 -21.84 -30.24 -4.71
C PRO B 30 -22.54 -29.91 -6.03
N ALA B 31 -21.79 -29.40 -7.00
CA ALA B 31 -22.34 -29.01 -8.31
C ALA B 31 -21.46 -29.50 -9.46
N PRO B 32 -22.05 -29.83 -10.63
CA PRO B 32 -21.22 -30.36 -11.73
C PRO B 32 -20.36 -29.29 -12.42
N VAL B 33 -19.51 -29.76 -13.35
CA VAL B 33 -18.58 -28.91 -14.10
C VAL B 33 -19.30 -27.73 -14.77
N ASP B 34 -18.66 -26.55 -14.75
CA ASP B 34 -19.10 -25.31 -15.39
C ASP B 34 -20.42 -24.75 -14.85
N THR B 35 -20.73 -25.03 -13.58
CA THR B 35 -21.93 -24.49 -12.95
C THR B 35 -21.63 -23.09 -12.39
N GLY B 36 -20.46 -22.96 -11.76
CA GLY B 36 -20.11 -21.74 -11.05
C GLY B 36 -20.76 -21.82 -9.68
N ILE B 37 -20.80 -20.70 -8.97
CA ILE B 37 -21.44 -20.62 -7.65
C ILE B 37 -22.85 -20.05 -7.87
N VAL B 38 -23.89 -20.78 -7.43
CA VAL B 38 -25.30 -20.40 -7.64
C VAL B 38 -26.00 -20.38 -6.31
N PHE B 39 -26.59 -19.22 -5.95
CA PHE B 39 -27.31 -19.07 -4.69
C PHE B 39 -28.78 -19.33 -4.92
N SER B 40 -29.47 -19.87 -3.90
CA SER B 40 -30.90 -20.05 -4.01
C SER B 40 -31.58 -19.79 -2.71
N ARG B 41 -32.76 -19.18 -2.81
CA ARG B 41 -33.59 -18.83 -1.67
C ARG B 41 -34.65 -19.90 -1.53
N THR B 42 -34.45 -20.81 -0.57
CA THR B 42 -35.36 -21.95 -0.30
C THR B 42 -36.62 -21.58 0.51
N ASP B 43 -36.62 -20.43 1.19
CA ASP B 43 -37.76 -19.96 1.98
C ASP B 43 -38.91 -19.34 1.14
N LEU B 44 -38.77 -19.27 -0.20
CA LEU B 44 -39.74 -18.63 -1.11
C LEU B 44 -40.34 -19.62 -2.12
N ASP B 45 -41.56 -19.33 -2.61
CA ASP B 45 -42.24 -20.12 -3.64
C ASP B 45 -42.61 -19.32 -4.90
N PRO B 46 -42.07 -19.68 -6.08
CA PRO B 46 -41.05 -20.72 -6.33
C PRO B 46 -39.68 -20.36 -5.74
N VAL B 47 -38.75 -21.33 -5.75
CA VAL B 47 -37.39 -21.13 -5.24
C VAL B 47 -36.64 -20.27 -6.29
N VAL B 48 -36.01 -19.17 -5.85
CA VAL B 48 -35.29 -18.27 -6.76
C VAL B 48 -33.80 -18.60 -6.78
N GLU B 49 -33.24 -18.81 -7.99
CA GLU B 49 -31.81 -19.07 -8.22
C GLU B 49 -31.16 -17.76 -8.66
N ILE B 50 -29.97 -17.46 -8.11
CA ILE B 50 -29.21 -16.26 -8.50
C ILE B 50 -27.74 -16.66 -8.68
N PRO B 51 -27.21 -16.78 -9.92
CA PRO B 51 -25.78 -17.06 -10.08
C PRO B 51 -24.92 -15.94 -9.46
N ALA B 52 -23.80 -16.31 -8.81
CA ALA B 52 -22.90 -15.35 -8.15
C ALA B 52 -22.04 -14.70 -9.25
N ARG B 53 -22.65 -13.75 -9.98
CA ARG B 53 -22.02 -13.07 -11.12
C ARG B 53 -22.12 -11.57 -10.91
N ALA B 54 -21.12 -10.82 -11.41
CA ALA B 54 -21.07 -9.36 -11.25
C ALA B 54 -22.33 -8.65 -11.72
N GLU B 55 -22.95 -9.16 -12.79
CA GLU B 55 -24.19 -8.59 -13.33
C GLU B 55 -25.40 -8.69 -12.39
N ASN B 56 -25.32 -9.56 -11.36
CA ASN B 56 -26.44 -9.76 -10.43
C ASN B 56 -26.25 -9.03 -9.12
N VAL B 57 -25.19 -8.22 -9.04
CA VAL B 57 -24.92 -7.40 -7.86
C VAL B 57 -25.91 -6.21 -7.86
N GLY B 58 -26.62 -6.05 -6.76
CA GLY B 58 -27.59 -4.97 -6.57
C GLY B 58 -27.05 -3.96 -5.59
N GLU B 59 -27.45 -4.05 -4.32
CA GLU B 59 -26.96 -3.13 -3.28
C GLU B 59 -25.53 -3.46 -2.86
N THR B 60 -24.78 -2.43 -2.48
CA THR B 60 -23.38 -2.54 -2.07
C THR B 60 -23.01 -1.68 -0.86
N THR B 61 -23.96 -0.85 -0.37
CA THR B 61 -23.74 0.08 0.76
C THR B 61 -23.23 -0.64 2.03
N MET B 62 -23.93 -1.71 2.44
CA MET B 62 -23.67 -2.49 3.65
C MET B 62 -22.77 -3.71 3.46
N SER B 63 -22.95 -4.39 2.33
CA SER B 63 -22.25 -5.62 1.95
C SER B 63 -22.54 -5.85 0.48
N THR B 64 -22.02 -6.94 -0.11
CA THR B 64 -22.37 -7.22 -1.49
C THR B 64 -23.67 -8.00 -1.47
N THR B 65 -24.67 -7.51 -2.23
CA THR B 65 -25.98 -8.14 -2.33
C THR B 65 -26.21 -8.61 -3.77
N LEU B 66 -26.71 -9.82 -3.92
CA LEU B 66 -27.12 -10.32 -5.23
C LEU B 66 -28.63 -10.14 -5.33
N VAL B 67 -29.10 -9.73 -6.50
CA VAL B 67 -30.54 -9.45 -6.75
C VAL B 67 -31.04 -10.12 -8.03
N LYS B 68 -32.34 -10.43 -8.04
CA LYS B 68 -33.08 -10.93 -9.18
C LYS B 68 -34.52 -10.49 -8.89
N GLY B 69 -34.91 -9.35 -9.48
CA GLY B 69 -36.21 -8.73 -9.25
C GLY B 69 -36.28 -8.17 -7.85
N ASP B 70 -37.34 -8.54 -7.10
CA ASP B 70 -37.48 -8.11 -5.72
C ASP B 70 -36.72 -9.04 -4.74
N VAL B 71 -36.17 -10.16 -5.24
CA VAL B 71 -35.48 -11.18 -4.45
C VAL B 71 -34.01 -10.83 -4.22
N LYS B 72 -33.57 -10.85 -2.96
CA LYS B 72 -32.18 -10.55 -2.64
C LYS B 72 -31.46 -11.67 -1.86
N VAL B 73 -30.13 -11.71 -2.02
CA VAL B 73 -29.23 -12.54 -1.25
C VAL B 73 -28.13 -11.57 -0.77
N ASP B 74 -28.14 -11.26 0.54
CA ASP B 74 -27.24 -10.29 1.16
C ASP B 74 -25.98 -10.93 1.74
N THR B 75 -24.87 -10.17 1.74
CA THR B 75 -23.57 -10.48 2.39
C THR B 75 -22.99 -11.79 1.85
N VAL B 76 -22.73 -11.82 0.55
CA VAL B 76 -22.21 -13.01 -0.11
C VAL B 76 -20.67 -13.09 -0.07
N GLU B 77 -19.97 -11.97 0.21
CA GLU B 77 -18.50 -11.84 0.11
C GLU B 77 -17.66 -12.73 1.03
N HIS B 78 -18.06 -13.00 2.28
CA HIS B 78 -17.19 -13.82 3.14
C HIS B 78 -17.20 -15.28 2.72
N LEU B 79 -18.41 -15.80 2.38
CA LEU B 79 -18.54 -17.16 1.86
C LEU B 79 -17.81 -17.27 0.50
N LEU B 80 -17.95 -16.25 -0.37
CA LEU B 80 -17.29 -16.26 -1.67
C LEU B 80 -15.76 -16.18 -1.55
N SER B 81 -15.24 -15.44 -0.55
CA SER B 81 -13.79 -15.35 -0.32
C SER B 81 -13.29 -16.74 0.09
N ALA B 82 -14.02 -17.45 0.96
CA ALA B 82 -13.68 -18.82 1.38
C ALA B 82 -13.62 -19.77 0.16
N MET B 83 -14.58 -19.63 -0.78
CA MET B 83 -14.62 -20.48 -2.01
C MET B 83 -13.47 -20.16 -2.94
N ALA B 84 -13.18 -18.85 -3.13
CA ALA B 84 -12.06 -18.40 -3.97
C ALA B 84 -10.75 -18.92 -3.36
N GLY B 85 -10.62 -18.77 -2.05
CA GLY B 85 -9.44 -19.21 -1.29
C GLY B 85 -9.12 -20.68 -1.41
N LEU B 86 -10.17 -21.51 -1.50
CA LEU B 86 -10.01 -22.95 -1.64
C LEU B 86 -10.07 -23.46 -3.07
N GLY B 87 -10.40 -22.59 -4.01
CA GLY B 87 -10.49 -22.98 -5.41
C GLY B 87 -11.76 -23.70 -5.80
N ILE B 88 -12.86 -23.48 -5.07
CA ILE B 88 -14.16 -24.08 -5.38
C ILE B 88 -14.74 -23.35 -6.58
N ASP B 89 -14.88 -24.06 -7.69
CA ASP B 89 -15.47 -23.49 -8.91
C ASP B 89 -16.98 -23.70 -8.93
N ASN B 90 -17.43 -24.86 -8.47
CA ASN B 90 -18.84 -25.23 -8.61
C ASN B 90 -19.48 -25.58 -7.32
N ALA B 91 -20.61 -24.92 -7.00
CA ALA B 91 -21.37 -25.20 -5.77
C ALA B 91 -22.73 -24.54 -5.80
N TYR B 92 -23.72 -25.20 -5.16
CA TYR B 92 -25.03 -24.60 -4.91
C TYR B 92 -25.01 -24.11 -3.48
N VAL B 93 -25.46 -22.86 -3.25
CA VAL B 93 -25.54 -22.29 -1.91
C VAL B 93 -27.02 -22.05 -1.66
N GLU B 94 -27.63 -22.83 -0.78
CA GLU B 94 -29.06 -22.70 -0.48
C GLU B 94 -29.25 -22.06 0.86
N LEU B 95 -30.07 -21.01 0.89
CA LEU B 95 -30.30 -20.24 2.11
C LEU B 95 -31.80 -20.17 2.44
N SER B 96 -32.15 -20.20 3.74
CA SER B 96 -33.54 -20.12 4.20
C SER B 96 -34.00 -18.66 4.52
N ALA B 97 -33.17 -17.67 4.20
CA ALA B 97 -33.46 -16.25 4.47
C ALA B 97 -32.57 -15.46 3.51
N SER B 98 -32.83 -14.13 3.39
CA SER B 98 -32.08 -13.28 2.47
C SER B 98 -30.57 -13.21 2.74
N GLU B 99 -30.14 -13.24 4.00
CA GLU B 99 -28.73 -13.03 4.30
C GLU B 99 -27.93 -14.26 4.72
N VAL B 100 -26.73 -14.40 4.11
CA VAL B 100 -25.76 -15.44 4.45
C VAL B 100 -25.40 -15.23 5.95
N PRO B 101 -25.34 -16.30 6.78
CA PRO B 101 -24.96 -16.12 8.19
C PRO B 101 -23.58 -15.51 8.34
N ILE B 102 -23.40 -14.65 9.35
CA ILE B 102 -22.13 -13.95 9.60
C ILE B 102 -21.07 -14.87 10.25
N MET B 103 -21.51 -15.91 10.98
CA MET B 103 -20.62 -16.86 11.68
C MET B 103 -19.77 -16.07 12.69
N ASP B 104 -18.43 -16.15 12.64
CA ASP B 104 -17.61 -15.38 13.58
C ASP B 104 -17.15 -14.03 12.99
N GLY B 105 -17.69 -13.64 11.84
CA GLY B 105 -17.36 -12.41 11.14
C GLY B 105 -16.22 -12.52 10.15
N SER B 106 -15.64 -13.72 10.00
CA SER B 106 -14.52 -13.99 9.09
C SER B 106 -14.89 -15.07 8.05
N ALA B 107 -13.92 -15.54 7.23
CA ALA B 107 -14.15 -16.63 6.27
C ALA B 107 -13.74 -18.00 6.91
N GLY B 108 -13.14 -17.94 8.10
CA GLY B 108 -12.66 -19.10 8.87
C GLY B 108 -13.64 -20.25 8.99
N PRO B 109 -14.84 -20.03 9.58
CA PRO B 109 -15.81 -21.12 9.70
C PRO B 109 -16.24 -21.70 8.35
N PHE B 110 -16.38 -20.85 7.28
CA PHE B 110 -16.75 -21.36 5.94
C PHE B 110 -15.63 -22.19 5.37
N VAL B 111 -14.37 -21.76 5.54
CA VAL B 111 -13.21 -22.53 5.06
C VAL B 111 -13.18 -23.93 5.75
N PHE B 112 -13.41 -23.96 7.06
CA PHE B 112 -13.42 -25.21 7.80
C PHE B 112 -14.60 -26.11 7.38
N LEU B 113 -15.77 -25.53 7.16
CA LEU B 113 -16.99 -26.25 6.72
C LEU B 113 -16.73 -26.92 5.35
N ILE B 114 -16.11 -26.17 4.43
CA ILE B 114 -15.80 -26.70 3.10
C ILE B 114 -14.79 -27.83 3.19
N GLN B 115 -13.70 -27.62 3.94
CA GLN B 115 -12.68 -28.64 4.14
C GLN B 115 -13.23 -29.88 4.87
N SER B 116 -14.20 -29.70 5.80
CA SER B 116 -14.89 -30.80 6.50
C SER B 116 -15.72 -31.64 5.50
N ALA B 117 -16.39 -30.98 4.54
CA ALA B 117 -17.17 -31.66 3.51
C ALA B 117 -16.24 -32.36 2.50
N GLY B 118 -14.98 -31.90 2.41
CA GLY B 118 -13.98 -32.43 1.49
C GLY B 118 -14.10 -31.85 0.10
N LEU B 119 -12.94 -31.61 -0.57
CA LEU B 119 -12.94 -31.04 -1.93
C LEU B 119 -12.96 -32.18 -2.90
N GLN B 120 -13.62 -31.99 -4.04
CA GLN B 120 -13.69 -32.98 -5.11
C GLN B 120 -13.19 -32.38 -6.42
N GLU B 121 -12.07 -32.91 -6.95
CA GLU B 121 -11.54 -32.47 -8.23
C GLU B 121 -12.36 -33.09 -9.35
N GLN B 122 -12.65 -32.30 -10.38
CA GLN B 122 -13.51 -32.69 -11.49
C GLN B 122 -12.74 -32.79 -12.81
N GLU B 123 -13.18 -33.68 -13.69
CA GLU B 123 -12.50 -33.91 -14.97
C GLU B 123 -12.83 -32.87 -16.03
N ALA B 124 -12.39 -31.62 -15.80
CA ALA B 124 -12.48 -30.50 -16.73
C ALA B 124 -11.51 -29.44 -16.23
N ALA B 125 -10.84 -28.75 -17.16
CA ALA B 125 -9.87 -27.70 -16.82
C ALA B 125 -10.55 -26.54 -16.12
N LYS B 126 -9.89 -26.04 -15.08
CA LYS B 126 -10.29 -24.86 -14.33
C LYS B 126 -9.91 -23.66 -15.22
N LYS B 127 -10.85 -22.73 -15.43
CA LYS B 127 -10.65 -21.57 -16.28
C LYS B 127 -10.23 -20.38 -15.43
N PHE B 128 -9.19 -19.68 -15.88
CA PHE B 128 -8.68 -18.52 -15.15
C PHE B 128 -8.82 -17.28 -16.02
N ILE B 129 -8.96 -16.10 -15.38
CA ILE B 129 -9.04 -14.82 -16.08
C ILE B 129 -7.69 -14.14 -15.85
N ARG B 130 -6.90 -14.02 -16.90
CA ARG B 130 -5.59 -13.41 -16.79
C ARG B 130 -5.65 -11.93 -17.17
N ILE B 131 -5.22 -11.04 -16.24
CA ILE B 131 -5.13 -9.58 -16.46
C ILE B 131 -4.00 -9.29 -17.43
N LYS B 132 -4.31 -8.74 -18.60
CA LYS B 132 -3.31 -8.44 -19.62
C LYS B 132 -2.91 -7.00 -19.60
N ARG B 133 -3.83 -6.10 -19.20
CA ARG B 133 -3.59 -4.67 -19.15
C ARG B 133 -4.22 -4.10 -17.90
N GLU B 134 -3.66 -2.97 -17.46
CA GLU B 134 -4.16 -2.29 -16.27
C GLU B 134 -5.56 -1.74 -16.51
N VAL B 135 -6.44 -1.88 -15.49
CA VAL B 135 -7.79 -1.38 -15.49
C VAL B 135 -8.00 -0.70 -14.14
N SER B 136 -8.45 0.55 -14.12
CA SER B 136 -8.72 1.20 -12.83
C SER B 136 -10.00 2.01 -12.85
N VAL B 137 -10.60 2.15 -11.67
CA VAL B 137 -11.80 2.96 -11.44
C VAL B 137 -11.53 3.82 -10.21
N GLU B 138 -12.02 5.06 -10.24
CA GLU B 138 -11.87 6.02 -9.14
C GLU B 138 -13.17 6.74 -8.90
N GLU B 139 -13.39 7.16 -7.67
CA GLU B 139 -14.48 8.04 -7.25
C GLU B 139 -14.01 8.84 -6.04
N GLY B 140 -13.62 10.09 -6.28
CA GLY B 140 -13.05 10.96 -5.27
C GLY B 140 -11.71 10.43 -4.80
N ASP B 141 -11.61 10.11 -3.50
CA ASP B 141 -10.38 9.56 -2.92
C ASP B 141 -10.36 8.00 -2.91
N LYS B 142 -11.44 7.34 -3.40
CA LYS B 142 -11.52 5.89 -3.48
C LYS B 142 -10.96 5.42 -4.84
N ARG B 143 -10.25 4.29 -4.85
CA ARG B 143 -9.64 3.74 -6.05
C ARG B 143 -9.56 2.20 -5.98
N ALA B 144 -9.80 1.52 -7.10
CA ALA B 144 -9.67 0.07 -7.23
C ALA B 144 -8.98 -0.18 -8.57
N VAL B 145 -7.92 -1.00 -8.56
CA VAL B 145 -7.08 -1.25 -9.75
C VAL B 145 -6.80 -2.72 -9.95
N PHE B 146 -6.76 -3.18 -11.24
CA PHE B 146 -6.26 -4.50 -11.64
C PHE B 146 -4.97 -4.22 -12.41
N VAL B 147 -3.87 -4.90 -12.07
CA VAL B 147 -2.59 -4.73 -12.74
C VAL B 147 -2.12 -6.11 -13.20
N PRO B 148 -1.47 -6.26 -14.38
CA PRO B 148 -0.96 -7.59 -14.75
C PRO B 148 0.06 -8.06 -13.72
N PHE B 149 -0.03 -9.33 -13.37
CA PHE B 149 0.84 -9.96 -12.38
C PHE B 149 0.77 -11.45 -12.56
N ASP B 150 1.96 -12.10 -12.60
CA ASP B 150 2.07 -13.54 -12.81
C ASP B 150 1.84 -14.35 -11.54
N GLY B 151 0.58 -14.40 -11.13
CA GLY B 151 0.14 -15.08 -9.92
C GLY B 151 -1.10 -14.39 -9.41
N PHE B 152 -1.29 -14.33 -8.10
CA PHE B 152 -2.43 -13.61 -7.51
C PHE B 152 -1.99 -12.82 -6.28
N LYS B 153 -2.17 -11.51 -6.32
CA LYS B 153 -1.71 -10.62 -5.25
C LYS B 153 -2.78 -9.59 -4.94
N VAL B 154 -3.00 -9.30 -3.66
CA VAL B 154 -3.99 -8.30 -3.25
C VAL B 154 -3.35 -7.32 -2.30
N SER B 155 -3.52 -6.02 -2.58
CA SER B 155 -3.07 -4.93 -1.73
C SER B 155 -4.28 -4.10 -1.35
N PHE B 156 -4.30 -3.60 -0.14
CA PHE B 156 -5.36 -2.75 0.33
C PHE B 156 -4.87 -1.63 1.25
N GLU B 157 -5.49 -0.44 1.10
CA GLU B 157 -5.24 0.74 1.92
C GLU B 157 -6.56 1.21 2.56
N ILE B 158 -6.59 1.18 3.90
CA ILE B 158 -7.76 1.59 4.67
C ILE B 158 -7.60 3.04 5.12
N ASP B 159 -8.71 3.71 5.54
CA ASP B 159 -8.67 5.07 6.08
C ASP B 159 -9.39 5.13 7.45
N PHE B 160 -8.58 5.14 8.54
CA PHE B 160 -9.02 5.23 9.93
C PHE B 160 -8.85 6.64 10.46
N THR B 169 -5.54 3.82 9.27
CA THR B 169 -5.00 4.21 7.97
C THR B 169 -3.64 3.53 7.75
N GLN B 170 -3.67 2.25 7.32
CA GLN B 170 -2.49 1.44 7.02
C GLN B 170 -2.68 0.67 5.69
N GLN B 171 -1.59 0.06 5.14
CA GLN B 171 -1.63 -0.68 3.86
C GLN B 171 -0.95 -2.05 4.00
N ALA B 172 -1.66 -3.15 3.61
CA ALA B 172 -1.12 -4.53 3.66
C ALA B 172 -1.20 -5.12 2.27
N SER B 173 -0.26 -5.99 1.97
CA SER B 173 -0.14 -6.70 0.70
C SER B 173 -0.01 -8.18 0.96
N VAL B 174 -0.84 -8.99 0.29
CA VAL B 174 -0.72 -10.44 0.37
C VAL B 174 -0.51 -11.01 -1.02
N ASP B 175 0.65 -11.68 -1.21
CA ASP B 175 1.00 -12.35 -2.46
C ASP B 175 0.70 -13.76 -2.14
N PHE B 176 -0.31 -14.31 -2.82
CA PHE B 176 -0.79 -15.66 -2.54
C PHE B 176 0.18 -16.80 -3.02
N SER B 177 1.36 -16.47 -3.59
CA SER B 177 2.36 -17.52 -3.92
C SER B 177 3.12 -17.94 -2.66
N SER B 178 3.53 -16.96 -1.83
CA SER B 178 4.29 -17.17 -0.59
C SER B 178 3.43 -17.26 0.69
N THR B 179 2.21 -16.68 0.66
CA THR B 179 1.30 -16.67 1.81
C THR B 179 -0.03 -17.37 1.50
N SER B 180 -0.49 -18.24 2.41
CA SER B 180 -1.77 -18.92 2.15
C SER B 180 -2.96 -18.10 2.62
N PHE B 181 -4.05 -18.23 1.91
CA PHE B 181 -5.31 -17.58 2.23
C PHE B 181 -5.77 -18.08 3.61
N VAL B 182 -5.68 -19.40 3.83
CA VAL B 182 -6.14 -20.01 5.08
C VAL B 182 -5.43 -19.42 6.32
N LYS B 183 -4.10 -19.39 6.27
CA LYS B 183 -3.26 -18.94 7.38
C LYS B 183 -3.33 -17.45 7.67
N GLU B 184 -3.18 -16.63 6.63
CA GLU B 184 -3.01 -15.19 6.79
C GLU B 184 -4.22 -14.33 6.55
N VAL B 185 -5.26 -14.83 5.89
CA VAL B 185 -6.41 -13.99 5.61
C VAL B 185 -7.74 -14.49 6.19
N SER B 186 -8.05 -15.80 6.02
CA SER B 186 -9.37 -16.37 6.32
C SER B 186 -9.98 -16.00 7.68
N ARG B 187 -9.15 -15.88 8.70
CA ARG B 187 -9.61 -15.59 10.06
C ARG B 187 -9.83 -14.11 10.37
N ALA B 188 -9.56 -13.20 9.42
CA ALA B 188 -9.73 -11.76 9.67
C ALA B 188 -11.22 -11.38 9.73
N ARG B 189 -11.65 -10.85 10.89
CA ARG B 189 -13.06 -10.51 11.14
C ARG B 189 -13.45 -9.12 10.70
N THR B 190 -14.76 -8.97 10.40
CA THR B 190 -15.38 -7.70 10.05
C THR B 190 -15.28 -6.79 11.27
N PHE B 191 -15.46 -5.48 11.06
CA PHE B 191 -15.29 -4.54 12.16
C PHE B 191 -16.17 -3.31 11.96
N GLY B 192 -16.38 -2.61 13.06
CA GLY B 192 -17.11 -1.36 13.06
C GLY B 192 -16.71 -0.51 14.24
N PHE B 193 -16.98 0.79 14.14
CA PHE B 193 -16.74 1.72 15.25
C PHE B 193 -18.04 1.78 16.07
N MET B 194 -17.93 1.74 17.40
CA MET B 194 -19.05 1.78 18.35
C MET B 194 -20.09 2.85 17.96
N ARG B 195 -19.61 4.08 17.66
CA ARG B 195 -20.43 5.21 17.21
C ARG B 195 -21.22 4.86 15.93
N ASP B 196 -20.56 4.26 14.92
CA ASP B 196 -21.19 3.89 13.64
C ASP B 196 -22.19 2.76 13.83
N ILE B 197 -21.86 1.83 14.75
CA ILE B 197 -22.67 0.68 15.16
C ILE B 197 -23.98 1.16 15.84
N GLU B 198 -23.95 2.35 16.48
CA GLU B 198 -25.13 2.96 17.12
C GLU B 198 -26.13 3.45 16.06
N TYR B 199 -25.62 4.14 15.01
CA TYR B 199 -26.38 4.70 13.88
C TYR B 199 -26.96 3.56 13.04
N LEU B 200 -26.12 2.58 12.67
CA LEU B 200 -26.50 1.41 11.87
C LEU B 200 -27.71 0.74 12.50
N ARG B 201 -27.64 0.49 13.83
CA ARG B 201 -28.72 -0.11 14.61
C ARG B 201 -29.99 0.74 14.66
N SER B 202 -29.87 2.08 14.45
CA SER B 202 -31.00 3.01 14.40
C SER B 202 -31.55 3.15 12.96
N GLN B 203 -30.85 2.54 11.99
CA GLN B 203 -31.24 2.49 10.56
C GLN B 203 -31.76 1.07 10.25
N ASN B 204 -31.81 0.21 11.29
CA ASN B 204 -32.24 -1.19 11.29
C ASN B 204 -31.23 -2.11 10.59
N LEU B 205 -29.94 -1.79 10.79
CA LEU B 205 -28.80 -2.51 10.23
C LEU B 205 -27.89 -2.97 11.38
N ALA B 206 -26.97 -3.91 11.09
CA ALA B 206 -26.09 -4.55 12.08
C ALA B 206 -26.90 -5.24 13.21
N LEU B 207 -28.19 -5.60 12.96
CA LEU B 207 -29.08 -6.26 13.95
C LEU B 207 -28.51 -7.55 14.53
N GLY B 208 -27.75 -8.30 13.72
CA GLY B 208 -27.13 -9.55 14.17
C GLY B 208 -25.72 -9.38 14.68
N GLY B 209 -25.21 -8.14 14.66
CA GLY B 209 -23.85 -7.86 15.09
C GLY B 209 -23.63 -7.94 16.58
N SER B 210 -22.46 -8.45 16.99
CA SER B 210 -22.05 -8.60 18.39
C SER B 210 -20.53 -8.74 18.46
N VAL B 211 -19.96 -8.74 19.67
CA VAL B 211 -18.52 -8.98 19.88
C VAL B 211 -18.14 -10.43 19.43
N GLU B 212 -19.13 -11.32 19.31
CA GLU B 212 -18.93 -12.70 18.88
C GLU B 212 -18.76 -12.84 17.37
N ASN B 213 -19.07 -11.78 16.59
CA ASN B 213 -18.94 -11.86 15.13
C ASN B 213 -18.37 -10.59 14.47
N ALA B 214 -17.83 -9.66 15.27
CA ALA B 214 -17.29 -8.41 14.74
C ALA B 214 -16.32 -7.78 15.74
N ILE B 215 -15.29 -7.09 15.22
CA ILE B 215 -14.36 -6.32 16.04
C ILE B 215 -15.04 -4.97 16.26
N VAL B 216 -15.17 -4.56 17.52
CA VAL B 216 -15.83 -3.30 17.87
C VAL B 216 -14.74 -2.38 18.40
N VAL B 217 -14.59 -1.19 17.78
CA VAL B 217 -13.58 -0.20 18.16
C VAL B 217 -14.32 1.03 18.72
N ASP B 218 -13.85 1.62 19.83
CA ASP B 218 -14.51 2.85 20.30
C ASP B 218 -14.25 4.00 19.28
N GLU B 219 -12.94 4.25 18.97
CA GLU B 219 -12.30 5.18 18.02
C GLU B 219 -10.78 5.21 18.33
N ASN B 220 -10.40 4.52 19.44
CA ASN B 220 -9.04 4.42 19.94
C ASN B 220 -8.58 2.96 20.01
N ARG B 221 -9.36 2.10 20.68
CA ARG B 221 -8.97 0.73 20.93
C ARG B 221 -10.11 -0.29 20.74
N VAL B 222 -9.73 -1.56 20.74
CA VAL B 222 -10.60 -2.72 20.53
C VAL B 222 -11.32 -3.09 21.81
N LEU B 223 -12.66 -3.21 21.74
CA LEU B 223 -13.46 -3.54 22.93
C LEU B 223 -13.54 -5.03 23.21
N ASN B 224 -13.36 -5.85 22.16
CA ASN B 224 -13.38 -7.32 22.25
C ASN B 224 -12.36 -7.75 23.28
N GLU B 225 -12.82 -8.52 24.26
CA GLU B 225 -12.01 -9.02 25.38
C GLU B 225 -10.69 -9.66 24.96
N ASP B 226 -10.74 -10.54 23.96
CA ASP B 226 -9.60 -11.32 23.50
C ASP B 226 -8.78 -10.66 22.39
N GLY B 227 -9.00 -9.38 22.14
CA GLY B 227 -8.23 -8.60 21.19
C GLY B 227 -8.33 -9.05 19.74
N LEU B 228 -7.23 -8.86 19.02
CA LEU B 228 -7.12 -9.14 17.59
C LEU B 228 -6.51 -10.50 17.25
N ARG B 229 -6.86 -11.05 16.09
CA ARG B 229 -6.34 -12.32 15.56
C ARG B 229 -5.05 -12.06 14.75
N TYR B 230 -4.90 -10.84 14.22
CA TYR B 230 -3.73 -10.38 13.46
C TYR B 230 -3.54 -8.93 13.88
N GLU B 231 -2.30 -8.44 13.95
CA GLU B 231 -2.04 -7.02 14.30
C GLU B 231 -2.70 -6.08 13.27
N ASP B 232 -2.78 -6.54 12.00
CA ASP B 232 -3.38 -5.80 10.89
C ASP B 232 -4.69 -6.45 10.44
N GLU B 233 -5.50 -6.91 11.42
CA GLU B 233 -6.75 -7.61 11.10
C GLU B 233 -7.72 -6.79 10.25
N PHE B 234 -7.77 -5.47 10.46
CA PHE B 234 -8.71 -4.60 9.73
C PHE B 234 -8.45 -4.62 8.24
N VAL B 235 -7.21 -4.39 7.84
CA VAL B 235 -6.88 -4.38 6.44
C VAL B 235 -6.92 -5.80 5.84
N LYS B 236 -6.58 -6.85 6.63
CA LYS B 236 -6.67 -8.25 6.20
C LYS B 236 -8.16 -8.61 5.93
N HIS B 237 -9.10 -8.07 6.71
CA HIS B 237 -10.53 -8.30 6.43
C HIS B 237 -10.97 -7.61 5.13
N LYS B 238 -10.42 -6.41 4.86
CA LYS B 238 -10.74 -5.70 3.61
C LYS B 238 -10.19 -6.49 2.41
N ILE B 239 -9.04 -7.16 2.59
CA ILE B 239 -8.46 -8.04 1.56
C ILE B 239 -9.40 -9.26 1.36
N LEU B 240 -9.90 -9.81 2.44
CA LEU B 240 -10.84 -10.93 2.46
C LEU B 240 -12.10 -10.51 1.65
N ASP B 241 -12.66 -9.32 1.91
CA ASP B 241 -13.85 -8.83 1.17
C ASP B 241 -13.55 -8.66 -0.31
N ALA B 242 -12.33 -8.10 -0.63
CA ALA B 242 -11.92 -7.88 -2.03
C ALA B 242 -11.90 -9.19 -2.79
N ILE B 243 -11.37 -10.26 -2.18
CA ILE B 243 -11.28 -11.59 -2.78
C ILE B 243 -12.69 -12.14 -3.08
N GLY B 244 -13.60 -12.00 -2.12
CA GLY B 244 -14.99 -12.43 -2.26
C GLY B 244 -15.71 -11.66 -3.35
N ASP B 245 -15.59 -10.32 -3.34
CA ASP B 245 -16.21 -9.46 -4.37
C ASP B 245 -15.68 -9.75 -5.76
N LEU B 246 -14.35 -9.98 -5.88
CA LEU B 246 -13.68 -10.29 -7.13
C LEU B 246 -14.11 -11.65 -7.69
N TYR B 247 -14.53 -12.57 -6.80
CA TYR B 247 -14.95 -13.89 -7.22
C TYR B 247 -16.23 -13.85 -8.05
N LEU B 248 -16.94 -12.71 -8.02
CA LEU B 248 -18.14 -12.50 -8.82
C LEU B 248 -17.84 -12.45 -10.33
N LEU B 249 -16.54 -12.46 -10.71
CA LEU B 249 -16.10 -12.59 -12.10
C LEU B 249 -16.46 -13.98 -12.62
N GLY B 250 -16.62 -14.94 -11.71
CA GLY B 250 -17.02 -16.32 -12.05
C GLY B 250 -15.86 -17.26 -12.28
N ASN B 251 -14.63 -16.72 -12.30
CA ASN B 251 -13.40 -17.50 -12.48
C ASN B 251 -12.29 -16.82 -11.70
N SER B 252 -11.30 -17.60 -11.26
CA SER B 252 -10.13 -17.18 -10.54
C SER B 252 -9.28 -16.27 -11.37
N LEU B 253 -8.70 -15.27 -10.70
CA LEU B 253 -7.89 -14.26 -11.36
C LEU B 253 -6.42 -14.54 -11.34
N ILE B 254 -5.74 -14.21 -12.43
CA ILE B 254 -4.28 -14.19 -12.52
C ILE B 254 -3.97 -12.71 -12.71
N GLY B 255 -3.52 -12.06 -11.64
CA GLY B 255 -3.24 -10.63 -11.66
C GLY B 255 -3.16 -10.04 -10.27
N GLU B 256 -3.04 -8.72 -10.21
CA GLU B 256 -2.92 -8.02 -8.95
C GLU B 256 -4.07 -7.03 -8.77
N PHE B 257 -4.70 -7.06 -7.61
CA PHE B 257 -5.73 -6.09 -7.27
C PHE B 257 -5.13 -5.14 -6.24
N ARG B 258 -5.38 -3.84 -6.40
CA ARG B 258 -4.98 -2.81 -5.42
C ARG B 258 -6.21 -2.00 -5.06
N GLY B 259 -6.55 -1.96 -3.78
CA GLY B 259 -7.70 -1.21 -3.27
C GLY B 259 -7.25 -0.02 -2.44
N PHE B 260 -7.85 1.15 -2.67
CA PHE B 260 -7.50 2.35 -1.90
C PHE B 260 -8.81 2.90 -1.41
N LYS B 261 -9.19 2.53 -0.15
CA LYS B 261 -10.44 2.91 0.53
C LYS B 261 -11.67 2.43 -0.24
N SER B 262 -11.45 1.41 -1.06
CA SER B 262 -12.44 0.81 -1.90
C SER B 262 -13.38 -0.08 -1.07
N GLY B 263 -14.65 0.00 -1.38
CA GLY B 263 -15.69 -0.77 -0.74
C GLY B 263 -16.33 -1.71 -1.75
N HIS B 264 -17.50 -2.23 -1.42
CA HIS B 264 -18.22 -3.16 -2.28
C HIS B 264 -18.67 -2.51 -3.56
N ALA B 265 -19.09 -1.24 -3.52
CA ALA B 265 -19.57 -0.52 -4.72
C ALA B 265 -18.50 -0.35 -5.78
N LEU B 266 -17.35 0.21 -5.41
CA LEU B 266 -16.24 0.40 -6.33
C LEU B 266 -15.61 -0.93 -6.80
N ASN B 267 -15.58 -1.98 -5.93
CA ASN B 267 -15.07 -3.31 -6.29
C ASN B 267 -15.91 -3.84 -7.44
N ASN B 268 -17.23 -3.70 -7.32
CA ASN B 268 -18.14 -4.17 -8.38
C ASN B 268 -17.99 -3.32 -9.62
N GLN B 269 -17.78 -1.99 -9.49
CA GLN B 269 -17.55 -1.12 -10.65
C GLN B 269 -16.26 -1.51 -11.39
N LEU B 270 -15.23 -1.94 -10.63
CA LEU B 270 -13.98 -2.41 -11.25
C LEU B 270 -14.26 -3.66 -12.07
N LEU B 271 -15.05 -4.60 -11.51
CA LEU B 271 -15.41 -5.84 -12.23
C LEU B 271 -16.16 -5.53 -13.51
N ARG B 272 -17.11 -4.59 -13.42
CA ARG B 272 -17.91 -4.19 -14.59
C ARG B 272 -17.04 -3.59 -15.69
N THR B 273 -16.05 -2.76 -15.31
CA THR B 273 -15.13 -2.11 -16.24
C THR B 273 -14.21 -3.14 -16.86
N LEU B 274 -13.72 -4.10 -16.07
CA LEU B 274 -12.87 -5.18 -16.60
C LEU B 274 -13.67 -6.01 -17.63
N ILE B 275 -14.90 -6.46 -17.26
CA ILE B 275 -15.76 -7.28 -18.13
C ILE B 275 -15.95 -6.57 -19.47
N ALA B 276 -16.24 -5.29 -19.42
CA ALA B 276 -16.45 -4.47 -20.60
C ALA B 276 -15.19 -4.25 -21.45
N ASP B 277 -14.01 -4.19 -20.81
CA ASP B 277 -12.74 -3.98 -21.49
C ASP B 277 -12.13 -5.33 -21.84
N LYS B 278 -12.69 -6.00 -22.86
CA LYS B 278 -12.29 -7.34 -23.29
C LYS B 278 -10.81 -7.49 -23.68
N ASP B 279 -10.16 -6.41 -24.17
CA ASP B 279 -8.74 -6.45 -24.51
C ASP B 279 -7.82 -6.52 -23.28
N ALA B 280 -8.34 -6.19 -22.10
CA ALA B 280 -7.55 -6.16 -20.87
C ALA B 280 -7.50 -7.51 -20.13
N TRP B 281 -8.17 -8.56 -20.67
CA TRP B 281 -8.17 -9.89 -20.05
C TRP B 281 -8.33 -11.02 -21.06
N GLU B 282 -8.02 -12.25 -20.65
CA GLU B 282 -8.18 -13.44 -21.47
C GLU B 282 -8.41 -14.65 -20.54
N VAL B 283 -9.13 -15.65 -21.03
CA VAL B 283 -9.39 -16.91 -20.32
C VAL B 283 -8.25 -17.87 -20.66
N VAL B 284 -7.62 -18.47 -19.63
CA VAL B 284 -6.49 -19.38 -19.81
C VAL B 284 -6.70 -20.62 -18.93
N THR B 285 -6.17 -21.76 -19.39
CA THR B 285 -6.22 -23.04 -18.67
C THR B 285 -4.79 -23.52 -18.62
N PHE B 286 -4.51 -24.44 -17.70
CA PHE B 286 -3.17 -24.99 -17.52
C PHE B 286 -3.25 -26.50 -17.56
N GLU B 287 -2.76 -27.06 -18.68
CA GLU B 287 -2.77 -28.51 -18.87
C GLU B 287 -1.66 -29.18 -18.06
N ASP B 288 -0.66 -28.39 -17.62
CA ASP B 288 0.44 -28.78 -16.74
C ASP B 288 0.41 -27.80 -15.57
N ALA B 289 0.02 -28.29 -14.37
CA ALA B 289 -0.12 -27.52 -13.15
C ALA B 289 1.16 -26.89 -12.63
N ARG B 290 2.32 -27.50 -12.96
CA ARG B 290 3.63 -27.04 -12.52
C ARG B 290 4.10 -25.74 -13.20
N THR B 291 3.60 -25.46 -14.43
CA THR B 291 3.95 -24.23 -15.16
C THR B 291 2.97 -23.07 -14.82
N ALA B 292 1.92 -23.38 -14.02
CA ALA B 292 0.88 -22.43 -13.64
C ALA B 292 1.37 -21.44 -12.59
N PRO B 293 0.92 -20.18 -12.68
CA PRO B 293 1.39 -19.17 -11.71
C PRO B 293 0.67 -19.19 -10.38
N ILE B 294 -0.46 -19.93 -10.30
CA ILE B 294 -1.26 -20.09 -9.08
C ILE B 294 -1.30 -21.57 -8.71
N SER B 295 -1.16 -21.85 -7.43
CA SER B 295 -1.18 -23.20 -6.91
C SER B 295 -2.29 -23.30 -5.87
N TYR B 296 -3.04 -24.40 -5.91
CA TYR B 296 -4.07 -24.65 -4.91
C TYR B 296 -3.59 -25.80 -4.04
N MET B 297 -4.15 -25.90 -2.84
CA MET B 297 -3.83 -26.98 -1.92
C MET B 297 -4.44 -28.27 -2.43
N ARG B 298 -3.81 -29.38 -2.04
CA ARG B 298 -4.19 -30.80 -2.14
C ARG B 298 -2.97 -31.54 -1.59
N PRO B 299 -3.05 -32.28 -0.46
CA PRO B 299 -1.83 -32.88 0.11
C PRO B 299 -1.25 -34.01 -0.74
ZN ZN C . 17.79 6.86 -2.70
C1 2SZ D . 28.66 -10.54 -6.82
N2 2SZ D . 29.05 -9.22 -6.29
C3 2SZ D . 27.97 -8.57 -5.54
C4 2SZ D . 28.50 -7.26 -4.93
N5 2SZ D . 29.09 -6.40 -5.97
C6 2SZ D . 30.19 -7.08 -6.72
C7 2SZ D . 29.64 -8.37 -7.36
C8 2SZ D . 29.55 -5.10 -5.44
C9 2SZ D . 28.50 -4.02 -5.62
C10 2SZ D . 27.34 -4.00 -4.83
C11 2SZ D . 26.43 -2.95 -4.98
C12 2SZ D . 26.69 -1.96 -5.92
C13 2SZ D . 27.86 -2.03 -6.68
N14 2SZ D . 28.71 -3.06 -6.50
C15 2SZ D . 25.73 -0.91 -6.16
C16 2SZ D . 24.95 -0.05 -6.34
C17 2SZ D . 23.99 0.99 -6.55
C18 2SZ D . 24.13 1.85 -7.66
C19 2SZ D . 23.20 2.85 -7.88
C20 2SZ D . 22.05 2.95 -7.05
C21 2SZ D . 21.88 2.04 -5.99
C22 2SZ D . 22.83 1.06 -5.74
C23 2SZ D . 21.05 4.04 -7.29
C24 2SZ D . 20.73 4.86 -6.20
C25 2SZ D . 19.81 5.93 -6.35
C26 2SZ D . 19.17 6.08 -7.59
N27 2SZ D . 19.51 5.32 -8.62
C28 2SZ D . 20.38 4.30 -8.52
N29 2SZ D . 20.48 3.45 -9.65
C30 2SZ D . 20.28 2.11 -9.61
N31 2SZ D . 20.37 1.58 -10.80
C32 2SZ D . 20.59 2.57 -11.71
C33 2SZ D . 20.66 3.79 -10.98
C34 2SZ D . 20.86 4.99 -11.65
C35 2SZ D . 21.04 5.00 -13.02
C36 2SZ D . 20.98 3.81 -13.74
C37 2SZ D . 20.76 2.60 -13.09
C38 2SZ D . 19.33 6.64 -5.15
O39 2SZ D . 19.13 5.97 -4.13
N40 2SZ D . 18.95 7.93 -5.13
O41 2SZ D . 18.39 8.39 -3.90
ZN ZN E . -16.51 -8.12 5.14
C1 2SZ F . -26.37 -7.38 23.40
N2 2SZ F . -26.88 -6.60 22.25
C3 2SZ F . -26.54 -7.16 20.91
C4 2SZ F . -25.17 -6.67 20.41
N5 2SZ F . -25.02 -5.20 20.51
C6 2SZ F . -25.34 -4.67 21.87
C7 2SZ F . -26.70 -5.13 22.38
C8 2SZ F . -23.62 -4.81 20.24
C9 2SZ F . -23.21 -4.73 18.79
C10 2SZ F . -21.87 -4.94 18.49
C11 2SZ F . -21.44 -4.88 17.18
C12 2SZ F . -22.39 -4.59 16.18
C13 2SZ F . -23.73 -4.35 16.56
N14 2SZ F . -24.08 -4.42 17.84
C15 2SZ F . -21.94 -4.45 14.83
C16 2SZ F . -21.55 -4.33 13.73
C17 2SZ F . -21.06 -4.20 12.39
C18 2SZ F . -19.92 -4.90 11.95
C19 2SZ F . -19.47 -4.70 10.65
C20 2SZ F . -20.11 -3.77 9.79
C21 2SZ F . -21.24 -3.08 10.24
C22 2SZ F . -21.67 -3.24 11.55
C23 2SZ F . -19.60 -3.62 8.39
C24 2SZ F . -19.28 -4.78 7.67
C25 2SZ F . -18.77 -4.69 6.36
C26 2SZ F . -18.56 -3.41 5.78
N27 2SZ F . -18.88 -2.33 6.48
C28 2SZ F . -19.40 -2.36 7.72
N29 2SZ F . -19.57 -1.14 8.37
C30 2SZ F . -18.93 -0.78 9.52
N31 2SZ F . -19.29 0.41 9.89
C32 2SZ F . -20.08 0.97 8.93
C33 2SZ F . -20.28 -0.02 7.94
C34 2SZ F . -21.07 0.27 6.83
C35 2SZ F . -21.66 1.51 6.71
C36 2SZ F . -21.45 2.50 7.67
C37 2SZ F . -20.70 2.22 8.81
C38 2SZ F . -18.26 -5.88 5.69
O39 2SZ F . -17.48 -6.59 6.31
N40 2SZ F . -18.56 -6.18 4.41
O41 2SZ F . -17.97 -7.31 3.83
#